data_9JAG
#
_entry.id   9JAG
#
_cell.length_a   56.632
_cell.length_b   56.818
_cell.length_c   60.574
_cell.angle_alpha   90.00
_cell.angle_beta   99.71
_cell.angle_gamma   90.00
#
_symmetry.space_group_name_H-M   'C 1 2 1'
#
loop_
_entity.id
_entity.type
_entity.pdbx_description
1 polymer 'Guanylate kinase'
2 non-polymer 'SULFATE ION'
3 non-polymer GLYCEROL
4 non-polymer "ADENOSINE-5'-DIPHOSPHATE"
5 water water
#
_entity_poly.entity_id   1
_entity_poly.type   'polypeptide(L)'
_entity_poly.pdbx_seq_one_letter_code
;HMSGPRPVVLSGPSGAGKSTLLKRLLQEHSGIFGFSVSHTTRNPRPGEENGKDYYFVTREVMQRDIAAGDFIEHAEFSGN
LYGTSKVAVQAVQAMNRICVLDVDLQGVRNIKATDLRPIYISVQPPSLHVLEQRLRQRNTETEESLVKRLAAAQADMESS
KEPGLFDVVIINDSLDQAYAELKEALSEEIKKAQRTGA
;
_entity_poly.pdbx_strand_id   A
#
# COMPACT_ATOMS: atom_id res chain seq x y z
N HIS A 1 -0.33 15.77 -16.55
CA HIS A 1 -0.33 14.65 -15.61
C HIS A 1 -1.73 14.02 -15.53
N MET A 2 -2.03 13.43 -14.38
CA MET A 2 -3.35 12.90 -14.07
C MET A 2 -3.93 13.70 -12.92
N SER A 3 -4.98 14.46 -13.19
CA SER A 3 -5.61 15.26 -12.15
C SER A 3 -6.36 14.36 -11.17
N GLY A 4 -6.43 14.82 -9.92
CA GLY A 4 -7.12 14.08 -8.89
C GLY A 4 -6.31 14.02 -7.60
N PRO A 5 -6.84 13.34 -6.60
CA PRO A 5 -6.14 13.27 -5.30
C PRO A 5 -4.85 12.47 -5.43
N ARG A 6 -3.84 12.90 -4.68
CA ARG A 6 -2.60 12.16 -4.65
C ARG A 6 -2.82 10.80 -4.00
N PRO A 7 -2.20 9.73 -4.52
CA PRO A 7 -2.29 8.43 -3.86
C PRO A 7 -1.58 8.47 -2.51
N VAL A 8 -1.87 7.46 -1.70
CA VAL A 8 -1.23 7.32 -0.39
C VAL A 8 -0.47 5.99 -0.36
N VAL A 9 0.79 6.05 0.03
CA VAL A 9 1.62 4.87 0.19
C VAL A 9 1.69 4.56 1.68
N LEU A 10 1.17 3.39 2.06
CA LEU A 10 1.11 2.97 3.45
C LEU A 10 2.08 1.82 3.65
N SER A 11 3.00 1.98 4.60
CA SER A 11 4.02 0.98 4.86
C SER A 11 4.25 0.87 6.37
N GLY A 12 5.02 -0.15 6.75
CA GLY A 12 5.30 -0.41 8.14
C GLY A 12 5.35 -1.89 8.44
N PRO A 13 5.88 -2.25 9.60
CA PRO A 13 5.98 -3.67 9.95
C PRO A 13 4.60 -4.31 10.07
N SER A 14 4.50 -5.55 9.62
CA SER A 14 3.26 -6.30 9.78
C SER A 14 2.96 -6.50 11.27
N GLY A 15 1.71 -6.23 11.65
CA GLY A 15 1.29 -6.32 13.03
C GLY A 15 1.31 -5.00 13.79
N ALA A 16 1.77 -3.92 13.16
CA ALA A 16 1.87 -2.63 13.84
C ALA A 16 0.55 -1.88 13.86
N GLY A 17 -0.41 -2.22 13.00
CA GLY A 17 -1.73 -1.62 13.05
C GLY A 17 -2.16 -0.88 11.80
N LYS A 18 -1.39 -1.02 10.72
CA LYS A 18 -1.72 -0.27 9.50
C LYS A 18 -2.98 -0.80 8.83
N SER A 19 -3.31 -2.08 9.02
CA SER A 19 -4.56 -2.60 8.48
C SER A 19 -5.75 -2.12 9.29
N THR A 20 -5.63 -2.11 10.62
CA THR A 20 -6.70 -1.61 11.46
C THR A 20 -6.98 -0.14 11.19
N LEU A 21 -5.93 0.66 11.03
CA LEU A 21 -6.11 2.07 10.71
C LEU A 21 -6.75 2.24 9.33
N LEU A 22 -6.32 1.43 8.35
CA LEU A 22 -6.85 1.55 7.00
C LEU A 22 -8.33 1.17 6.96
N LYS A 23 -8.71 0.09 7.65
CA LYS A 23 -10.11 -0.34 7.64
C LYS A 23 -11.02 0.76 8.21
N ARG A 24 -10.58 1.41 9.29
CA ARG A 24 -11.39 2.48 9.86
C ARG A 24 -11.44 3.68 8.92
N LEU A 25 -10.33 3.97 8.24
CA LEU A 25 -10.31 5.05 7.26
C LEU A 25 -11.31 4.80 6.14
N LEU A 26 -11.39 3.57 5.66
CA LEU A 26 -12.34 3.23 4.59
C LEU A 26 -13.77 3.31 5.10
N GLN A 27 -14.03 2.72 6.27
CA GLN A 27 -15.39 2.66 6.80
C GLN A 27 -15.95 4.02 7.17
N GLU A 28 -15.09 5.03 7.34
CA GLU A 28 -15.54 6.37 7.64
C GLU A 28 -15.43 7.32 6.45
N HIS A 29 -15.05 6.82 5.27
CA HIS A 29 -14.91 7.64 4.08
C HIS A 29 -15.25 6.82 2.83
N SER A 30 -16.51 6.36 2.73
CA SER A 30 -16.89 5.60 1.55
C SER A 30 -16.90 6.50 0.31
N GLY A 31 -16.46 5.94 -0.81
CA GLY A 31 -16.38 6.68 -2.05
C GLY A 31 -15.16 7.57 -2.17
N ILE A 32 -14.31 7.63 -1.16
CA ILE A 32 -13.15 8.52 -1.15
C ILE A 32 -11.88 7.81 -1.59
N PHE A 33 -11.71 6.56 -1.17
CA PHE A 33 -10.49 5.80 -1.44
C PHE A 33 -10.76 4.71 -2.46
N GLY A 34 -9.68 4.23 -3.06
CA GLY A 34 -9.76 3.14 -4.02
C GLY A 34 -8.48 2.35 -4.04
N PHE A 35 -8.56 1.15 -4.59
CA PHE A 35 -7.41 0.27 -4.74
C PHE A 35 -7.18 -0.02 -6.20
N SER A 36 -5.92 0.03 -6.63
CA SER A 36 -5.59 -0.24 -8.01
C SER A 36 -5.92 -1.70 -8.36
N VAL A 37 -6.36 -1.90 -9.59
CA VAL A 37 -6.65 -3.25 -10.09
C VAL A 37 -5.39 -3.79 -10.74
N SER A 38 -5.02 -5.01 -10.37
CA SER A 38 -3.76 -5.59 -10.81
C SER A 38 -3.87 -6.16 -12.22
N HIS A 39 -2.74 -6.21 -12.91
CA HIS A 39 -2.62 -6.92 -14.18
C HIS A 39 -2.23 -8.37 -13.92
N THR A 40 -2.76 -9.27 -14.75
CA THR A 40 -2.32 -10.65 -14.74
C THR A 40 -2.43 -11.24 -16.14
N THR A 41 -1.65 -12.29 -16.38
CA THR A 41 -1.73 -13.04 -17.61
C THR A 41 -2.43 -14.38 -17.44
N ARG A 42 -2.86 -14.72 -16.23
CA ARG A 42 -3.55 -15.97 -16.02
C ARG A 42 -5.00 -15.88 -16.49
N ASN A 43 -5.62 -17.04 -16.64
CA ASN A 43 -6.99 -17.08 -17.12
C ASN A 43 -7.95 -16.56 -16.04
N PRO A 44 -9.04 -15.93 -16.45
CA PRO A 44 -10.06 -15.53 -15.47
C PRO A 44 -10.69 -16.75 -14.81
N ARG A 45 -11.11 -16.56 -13.57
CA ARG A 45 -11.79 -17.57 -12.78
C ARG A 45 -13.27 -17.22 -12.64
N PRO A 46 -14.11 -18.17 -12.22
CA PRO A 46 -15.55 -17.89 -12.13
C PRO A 46 -15.86 -16.63 -11.33
N GLY A 47 -16.73 -15.80 -11.90
CA GLY A 47 -17.15 -14.57 -11.26
C GLY A 47 -16.22 -13.38 -11.45
N GLU A 48 -14.98 -13.60 -11.87
CA GLU A 48 -14.05 -12.50 -12.06
C GLU A 48 -14.43 -11.70 -13.30
N GLU A 49 -14.13 -10.40 -13.25
CA GLU A 49 -14.48 -9.47 -14.33
C GLU A 49 -13.27 -8.61 -14.65
N ASN A 50 -13.00 -8.44 -15.94
CA ASN A 50 -11.90 -7.56 -16.34
C ASN A 50 -12.19 -6.13 -15.92
N GLY A 51 -11.13 -5.42 -15.51
CA GLY A 51 -11.26 -4.07 -15.03
C GLY A 51 -11.74 -3.93 -13.60
N LYS A 52 -12.20 -5.02 -12.98
CA LYS A 52 -12.63 -5.01 -11.59
C LYS A 52 -11.78 -5.90 -10.72
N ASP A 53 -11.61 -7.16 -11.09
CA ASP A 53 -10.76 -8.08 -10.35
C ASP A 53 -9.32 -8.04 -10.85
N TYR A 54 -9.15 -8.06 -12.17
CA TYR A 54 -7.83 -7.90 -12.79
C TYR A 54 -8.01 -7.26 -14.16
N TYR A 55 -6.91 -6.73 -14.68
CA TYR A 55 -6.78 -6.46 -16.11
C TYR A 55 -6.09 -7.67 -16.72
N PHE A 56 -6.82 -8.43 -17.54
CA PHE A 56 -6.30 -9.65 -18.13
C PHE A 56 -5.64 -9.30 -19.46
N VAL A 57 -4.34 -9.59 -19.56
CA VAL A 57 -3.53 -9.23 -20.73
C VAL A 57 -2.63 -10.42 -21.10
N THR A 58 -2.03 -10.34 -22.28
CA THR A 58 -1.08 -11.34 -22.71
C THR A 58 0.27 -11.12 -22.03
N ARG A 59 1.09 -12.17 -22.04
CA ARG A 59 2.44 -12.06 -21.49
C ARG A 59 3.27 -11.06 -22.30
N GLU A 60 3.09 -11.05 -23.62
CA GLU A 60 3.85 -10.12 -24.46
C GLU A 60 3.53 -8.67 -24.10
N VAL A 61 2.24 -8.36 -23.89
CA VAL A 61 1.85 -7.00 -23.56
C VAL A 61 2.36 -6.62 -22.17
N MET A 62 2.21 -7.53 -21.20
CA MET A 62 2.64 -7.22 -19.84
C MET A 62 4.15 -7.05 -19.76
N GLN A 63 4.91 -7.90 -20.46
CA GLN A 63 6.37 -7.76 -20.47
C GLN A 63 6.78 -6.44 -21.10
N ARG A 64 6.08 -6.01 -22.16
CA ARG A 64 6.42 -4.76 -22.84
C ARG A 64 6.31 -3.58 -21.89
N ASP A 65 5.25 -3.52 -21.10
CA ASP A 65 5.04 -2.39 -20.20
C ASP A 65 5.83 -2.51 -18.91
N ILE A 66 6.24 -3.72 -18.52
CA ILE A 66 7.24 -3.85 -17.46
C ILE A 66 8.54 -3.21 -17.90
N ALA A 67 9.00 -3.53 -19.11
CA ALA A 67 10.21 -2.91 -19.64
C ALA A 67 10.04 -1.41 -19.79
N ALA A 68 8.81 -0.95 -20.06
CA ALA A 68 8.54 0.48 -20.14
C ALA A 68 8.52 1.15 -18.76
N GLY A 69 8.59 0.38 -17.68
CA GLY A 69 8.62 0.95 -16.35
C GLY A 69 7.28 1.22 -15.72
N ASP A 70 6.20 0.60 -16.22
CA ASP A 70 4.86 0.87 -15.71
C ASP A 70 4.65 0.26 -14.33
N PHE A 71 5.30 -0.86 -14.02
CA PHE A 71 4.88 -1.71 -12.92
C PHE A 71 5.74 -1.44 -11.69
N ILE A 72 5.10 -0.90 -10.64
CA ILE A 72 5.77 -0.67 -9.38
C ILE A 72 6.03 -1.97 -8.64
N GLU A 73 5.31 -3.03 -8.97
CA GLU A 73 5.56 -4.35 -8.42
C GLU A 73 5.09 -5.38 -9.43
N HIS A 74 5.81 -6.49 -9.53
CA HIS A 74 5.41 -7.57 -10.41
C HIS A 74 6.09 -8.86 -9.97
N ALA A 75 5.43 -9.97 -10.24
CA ALA A 75 5.94 -11.29 -9.88
C ALA A 75 5.42 -12.31 -10.90
N GLU A 76 6.01 -13.49 -10.86
CA GLU A 76 5.64 -14.55 -11.80
C GLU A 76 5.79 -15.91 -11.14
N PHE A 77 4.80 -16.77 -11.35
CA PHE A 77 4.88 -18.16 -10.93
C PHE A 77 3.91 -18.97 -11.77
N SER A 78 4.29 -20.22 -12.03
CA SER A 78 3.47 -21.15 -12.81
C SER A 78 3.14 -20.58 -14.19
N GLY A 79 4.08 -19.84 -14.76
CA GLY A 79 3.95 -19.31 -16.10
C GLY A 79 3.07 -18.09 -16.24
N ASN A 80 2.50 -17.58 -15.15
CA ASN A 80 1.60 -16.44 -15.18
C ASN A 80 2.26 -15.25 -14.51
N LEU A 81 2.02 -14.06 -15.05
CA LEU A 81 2.57 -12.83 -14.51
C LEU A 81 1.51 -12.08 -13.72
N TYR A 82 1.96 -11.33 -12.71
CA TYR A 82 1.10 -10.53 -11.87
C TYR A 82 1.84 -9.23 -11.55
N GLY A 83 1.10 -8.14 -11.41
CA GLY A 83 1.75 -6.87 -11.12
C GLY A 83 0.76 -5.74 -10.96
N THR A 84 1.27 -4.64 -10.41
CA THR A 84 0.52 -3.41 -10.22
C THR A 84 1.15 -2.32 -11.08
N SER A 85 0.37 -1.75 -11.99
CA SER A 85 0.86 -0.76 -12.93
C SER A 85 0.57 0.65 -12.41
N LYS A 86 1.50 1.57 -12.68
CA LYS A 86 1.26 2.97 -12.36
C LYS A 86 0.03 3.49 -13.10
N VAL A 87 -0.29 2.91 -14.26
CA VAL A 87 -1.46 3.34 -15.02
C VAL A 87 -2.73 2.93 -14.28
N ALA A 88 -2.73 1.76 -13.64
CA ALA A 88 -3.87 1.36 -12.83
C ALA A 88 -4.03 2.25 -11.61
N VAL A 89 -2.92 2.73 -11.04
CA VAL A 89 -3.00 3.68 -9.95
C VAL A 89 -3.57 5.02 -10.43
N GLN A 90 -3.11 5.48 -11.59
CA GLN A 90 -3.64 6.73 -12.14
C GLN A 90 -5.10 6.60 -12.53
N ALA A 91 -5.54 5.40 -12.86
CA ALA A 91 -6.95 5.19 -13.19
C ALA A 91 -7.86 5.39 -11.98
N VAL A 92 -7.38 5.04 -10.79
CA VAL A 92 -8.12 5.34 -9.57
C VAL A 92 -8.12 6.85 -9.32
N GLN A 93 -6.95 7.48 -9.49
CA GLN A 93 -6.86 8.93 -9.35
C GLN A 93 -7.79 9.64 -10.33
N ALA A 94 -7.94 9.10 -11.54
CA ALA A 94 -8.82 9.72 -12.53
C ALA A 94 -10.27 9.73 -12.07
N MET A 95 -10.66 8.77 -11.25
CA MET A 95 -12.01 8.72 -10.68
C MET A 95 -12.17 9.60 -9.46
N ASN A 96 -11.20 10.49 -9.20
CA ASN A 96 -11.22 11.41 -8.05
C ASN A 96 -11.23 10.64 -6.73
N ARG A 97 -10.48 9.54 -6.69
CA ARG A 97 -10.31 8.76 -5.47
C ARG A 97 -8.85 8.75 -5.05
N ILE A 98 -8.62 8.62 -3.75
CA ILE A 98 -7.27 8.44 -3.21
C ILE A 98 -6.90 6.97 -3.36
N CYS A 99 -5.94 6.67 -4.22
CA CYS A 99 -5.50 5.30 -4.39
C CYS A 99 -4.59 4.90 -3.24
N VAL A 100 -4.92 3.78 -2.60
CA VAL A 100 -4.20 3.31 -1.42
C VAL A 100 -3.21 2.24 -1.86
N LEU A 101 -1.93 2.45 -1.57
CA LEU A 101 -0.86 1.52 -1.92
C LEU A 101 -0.25 1.01 -0.61
N ASP A 102 -0.66 -0.19 -0.21
CA ASP A 102 -0.17 -0.84 1.00
C ASP A 102 0.96 -1.77 0.59
N VAL A 103 2.21 -1.31 0.79
CA VAL A 103 3.39 -2.01 0.28
C VAL A 103 4.48 -2.02 1.34
N ASP A 104 5.46 -2.91 1.13
CA ASP A 104 6.64 -2.98 2.00
C ASP A 104 7.66 -1.94 1.55
N LEU A 105 8.88 -2.04 2.09
CA LEU A 105 9.89 -1.02 1.82
C LEU A 105 10.34 -1.04 0.37
N GLN A 106 10.51 -2.22 -0.22
CA GLN A 106 10.91 -2.29 -1.62
C GLN A 106 9.86 -1.66 -2.52
N GLY A 107 8.58 -1.80 -2.15
CA GLY A 107 7.54 -1.14 -2.91
C GLY A 107 7.62 0.37 -2.84
N VAL A 108 8.01 0.90 -1.67
CA VAL A 108 8.17 2.34 -1.52
C VAL A 108 9.19 2.88 -2.50
N ARG A 109 10.35 2.23 -2.58
CA ARG A 109 11.40 2.72 -3.46
C ARG A 109 11.06 2.52 -4.93
N ASN A 110 10.27 1.49 -5.25
CA ASN A 110 9.78 1.33 -6.62
C ASN A 110 8.82 2.45 -7.00
N ILE A 111 7.96 2.85 -6.06
CA ILE A 111 7.03 3.95 -6.33
C ILE A 111 7.78 5.27 -6.44
N LYS A 112 8.86 5.42 -5.66
CA LYS A 112 9.65 6.65 -5.70
C LYS A 112 10.27 6.91 -7.07
N ALA A 113 10.43 5.87 -7.89
CA ALA A 113 11.08 6.01 -9.19
C ALA A 113 10.10 6.28 -10.33
N THR A 114 8.81 6.42 -10.03
CA THR A 114 7.80 6.63 -11.06
C THR A 114 7.41 8.11 -11.10
N ASP A 115 6.56 8.46 -12.06
CA ASP A 115 6.00 9.79 -12.13
C ASP A 115 4.85 10.01 -11.14
N LEU A 116 4.48 8.97 -10.40
CA LEU A 116 3.51 9.14 -9.32
C LEU A 116 4.05 10.08 -8.26
N ARG A 117 3.17 10.88 -7.68
CA ARG A 117 3.52 11.80 -6.60
C ARG A 117 2.61 11.55 -5.41
N PRO A 118 2.77 10.42 -4.72
CA PRO A 118 1.89 10.09 -3.60
C PRO A 118 2.39 10.73 -2.30
N ILE A 119 1.61 10.51 -1.24
CA ILE A 119 2.04 10.81 0.12
C ILE A 119 2.53 9.53 0.75
N TYR A 120 3.73 9.57 1.33
CA TYR A 120 4.37 8.39 1.89
C TYR A 120 4.22 8.40 3.41
N ILE A 121 3.52 7.40 3.94
CA ILE A 121 3.22 7.32 5.37
C ILE A 121 3.73 5.98 5.90
N SER A 122 4.41 6.02 7.04
CA SER A 122 4.88 4.83 7.73
C SER A 122 4.16 4.71 9.06
N VAL A 123 3.63 3.51 9.34
CA VAL A 123 2.95 3.21 10.58
C VAL A 123 3.84 2.27 11.37
N GLN A 124 4.38 2.75 12.50
CA GLN A 124 5.35 2.00 13.26
C GLN A 124 4.80 1.68 14.65
N PRO A 125 5.16 0.54 15.23
CA PRO A 125 4.78 0.26 16.61
C PRO A 125 5.52 1.17 17.57
N PRO A 126 4.99 1.38 18.78
CA PRO A 126 5.73 2.21 19.75
C PRO A 126 7.02 1.58 20.23
N SER A 127 7.14 0.25 20.15
CA SER A 127 8.34 -0.46 20.56
C SER A 127 8.30 -1.85 19.96
N LEU A 128 9.46 -2.51 19.95
CA LEU A 128 9.50 -3.89 19.47
C LEU A 128 8.78 -4.84 20.41
N HIS A 129 8.78 -4.53 21.71
CA HIS A 129 8.06 -5.38 22.66
C HIS A 129 6.56 -5.32 22.43
N VAL A 130 6.03 -4.12 22.17
CA VAL A 130 4.61 -3.99 21.85
C VAL A 130 4.27 -4.79 20.59
N LEU A 131 5.15 -4.72 19.59
CA LEU A 131 4.92 -5.49 18.36
C LEU A 131 4.95 -6.99 18.65
N GLU A 132 5.87 -7.44 19.50
CA GLU A 132 5.91 -8.84 19.88
C GLU A 132 4.61 -9.25 20.57
N GLN A 133 4.16 -8.45 21.53
CA GLN A 133 2.87 -8.70 22.17
C GLN A 133 1.76 -8.75 21.14
N ARG A 134 1.80 -7.85 20.16
CA ARG A 134 0.80 -7.84 19.10
C ARG A 134 0.89 -9.09 18.23
N LEU A 135 2.11 -9.52 17.90
CA LEU A 135 2.27 -10.68 17.04
C LEU A 135 1.91 -11.98 17.78
N ARG A 136 2.33 -12.09 19.04
CA ARG A 136 1.96 -13.26 19.84
C ARG A 136 0.46 -13.36 20.01
N GLN A 137 -0.24 -12.23 20.00
CA GLN A 137 -1.68 -12.24 20.25
C GLN A 137 -2.45 -12.90 19.11
N ARG A 138 -2.05 -12.63 17.87
CA ARG A 138 -2.79 -13.16 16.73
C ARG A 138 -2.48 -14.61 16.43
N ASN A 139 -1.50 -15.20 17.12
CA ASN A 139 -1.25 -16.65 17.08
C ASN A 139 -1.00 -17.16 15.65
N THR A 140 -0.14 -16.45 14.93
CA THR A 140 0.20 -16.81 13.56
C THR A 140 1.66 -17.19 13.38
N GLU A 141 2.48 -17.10 14.43
CA GLU A 141 3.92 -17.17 14.29
C GLU A 141 4.50 -18.38 15.00
N THR A 142 5.49 -18.99 14.36
CA THR A 142 6.41 -19.87 15.06
C THR A 142 7.42 -19.01 15.82
N GLU A 143 8.27 -19.68 16.62
CA GLU A 143 9.35 -18.95 17.28
C GLU A 143 10.35 -18.42 16.27
N GLU A 144 10.59 -19.18 15.20
CA GLU A 144 11.48 -18.71 14.14
C GLU A 144 10.91 -17.47 13.46
N SER A 145 9.64 -17.52 13.06
CA SER A 145 9.04 -16.41 12.32
C SER A 145 8.82 -15.19 13.21
N LEU A 146 8.50 -15.40 14.48
CA LEU A 146 8.30 -14.27 15.39
C LEU A 146 9.59 -13.47 15.57
N VAL A 147 10.70 -14.17 15.82
CA VAL A 147 11.98 -13.48 16.00
C VAL A 147 12.45 -12.87 14.69
N LYS A 148 12.23 -13.56 13.57
CA LYS A 148 12.57 -12.98 12.27
C LYS A 148 11.75 -11.72 12.00
N ARG A 149 10.48 -11.72 12.41
CA ARG A 149 9.64 -10.53 12.19
C ARG A 149 10.11 -9.36 13.04
N LEU A 150 10.46 -9.62 14.31
CA LEU A 150 10.93 -8.54 15.18
C LEU A 150 12.24 -7.96 14.66
N ALA A 151 13.16 -8.82 14.23
CA ALA A 151 14.42 -8.34 13.66
C ALA A 151 14.17 -7.53 12.39
N ALA A 152 13.30 -8.03 11.51
CA ALA A 152 12.99 -7.31 10.29
C ALA A 152 12.29 -5.99 10.59
N ALA A 153 11.45 -5.97 11.62
CA ALA A 153 10.78 -4.73 12.00
C ALA A 153 11.77 -3.69 12.53
N GLN A 154 12.84 -4.14 13.19
CA GLN A 154 13.87 -3.21 13.65
C GLN A 154 14.48 -2.48 12.47
N ALA A 155 14.88 -3.22 11.42
CA ALA A 155 15.40 -2.58 10.22
C ALA A 155 14.35 -1.71 9.55
N ASP A 156 13.07 -2.11 9.64
CA ASP A 156 12.00 -1.29 9.09
C ASP A 156 11.89 0.03 9.83
N MET A 157 11.93 -0.01 11.17
CA MET A 157 11.89 1.21 11.96
C MET A 157 13.10 2.09 11.68
N GLU A 158 14.28 1.47 11.50
CA GLU A 158 15.48 2.25 11.25
C GLU A 158 15.44 2.93 9.89
N SER A 159 14.99 2.21 8.86
CA SER A 159 14.89 2.79 7.54
C SER A 159 13.81 3.87 7.47
N SER A 160 12.86 3.87 8.39
CA SER A 160 11.84 4.92 8.42
C SER A 160 12.43 6.28 8.79
N LYS A 161 13.59 6.31 9.43
CA LYS A 161 14.24 7.56 9.81
C LYS A 161 15.05 8.15 8.67
N GLU A 162 15.07 7.51 7.52
CA GLU A 162 15.88 7.97 6.40
C GLU A 162 15.32 9.27 5.84
N PRO A 163 16.13 10.33 5.72
CA PRO A 163 15.57 11.65 5.39
C PRO A 163 14.87 11.67 4.05
N GLY A 164 13.66 12.25 4.04
CA GLY A 164 12.88 12.38 2.84
C GLY A 164 12.15 11.14 2.38
N LEU A 165 12.38 9.99 3.02
CA LEU A 165 11.74 8.76 2.58
C LEU A 165 10.24 8.79 2.81
N PHE A 166 9.82 9.18 4.00
CA PHE A 166 8.40 9.24 4.35
C PHE A 166 8.01 10.67 4.69
N ASP A 167 6.82 11.07 4.22
CA ASP A 167 6.30 12.38 4.57
C ASP A 167 5.78 12.40 6.00
N VAL A 168 5.16 11.30 6.44
CA VAL A 168 4.61 11.18 7.78
C VAL A 168 5.02 9.84 8.37
N VAL A 169 5.43 9.85 9.64
CA VAL A 169 5.70 8.64 10.40
C VAL A 169 4.76 8.65 11.60
N ILE A 170 3.88 7.65 11.66
CA ILE A 170 2.86 7.56 12.69
C ILE A 170 3.26 6.46 13.66
N ILE A 171 3.44 6.83 14.93
CA ILE A 171 3.75 5.87 15.98
C ILE A 171 2.44 5.43 16.61
N ASN A 172 2.08 4.16 16.40
CA ASN A 172 0.79 3.62 16.82
C ASN A 172 0.84 3.22 18.30
N ASP A 173 0.93 4.23 19.16
CA ASP A 173 0.81 4.00 20.59
C ASP A 173 -0.65 3.82 20.98
N SER A 174 -1.48 4.81 20.69
CA SER A 174 -2.92 4.73 20.84
C SER A 174 -3.55 4.72 19.45
N LEU A 175 -4.53 3.82 19.25
CA LEU A 175 -5.12 3.67 17.93
C LEU A 175 -5.94 4.89 17.54
N ASP A 176 -6.81 5.35 18.44
CA ASP A 176 -7.54 6.60 18.19
C ASP A 176 -6.57 7.75 17.91
N GLN A 177 -5.43 7.74 18.60
CA GLN A 177 -4.40 8.76 18.39
C GLN A 177 -3.78 8.61 17.01
N ALA A 178 -3.38 7.38 16.65
CA ALA A 178 -2.75 7.14 15.36
C ALA A 178 -3.71 7.41 14.21
N TYR A 179 -4.99 7.05 14.39
CA TYR A 179 -5.96 7.27 13.33
C TYR A 179 -6.19 8.75 13.08
N ALA A 180 -6.25 9.55 14.13
CA ALA A 180 -6.44 10.99 13.95
C ALA A 180 -5.26 11.60 13.21
N GLU A 181 -4.04 11.13 13.49
CA GLU A 181 -2.88 11.60 12.74
C GLU A 181 -2.96 11.19 11.27
N LEU A 182 -3.48 9.99 11.01
CA LEU A 182 -3.61 9.54 9.62
C LEU A 182 -4.62 10.40 8.86
N LYS A 183 -5.74 10.73 9.48
CA LYS A 183 -6.74 11.57 8.83
C LYS A 183 -6.19 12.96 8.55
N GLU A 184 -5.47 13.54 9.52
CA GLU A 184 -4.93 14.89 9.34
C GLU A 184 -3.93 14.93 8.19
N ALA A 185 -3.10 13.89 8.07
CA ALA A 185 -2.12 13.86 6.99
C ALA A 185 -2.79 13.81 5.63
N LEU A 186 -3.97 13.19 5.54
CA LEU A 186 -4.69 13.03 4.28
C LEU A 186 -5.82 14.03 4.11
N SER A 187 -5.92 15.03 4.99
CA SER A 187 -7.10 15.89 5.03
C SER A 187 -7.29 16.66 3.73
N GLU A 188 -6.18 17.12 3.12
CA GLU A 188 -6.33 17.90 1.90
C GLU A 188 -6.69 17.02 0.70
N GLU A 189 -6.14 15.81 0.64
CA GLU A 189 -6.50 14.91 -0.44
C GLU A 189 -7.91 14.35 -0.27
N ILE A 190 -8.35 14.18 0.97
CA ILE A 190 -9.74 13.78 1.22
C ILE A 190 -10.68 14.88 0.73
N LYS A 191 -10.35 16.14 1.02
CA LYS A 191 -11.18 17.25 0.57
C LYS A 191 -11.26 17.29 -0.96
N LYS A 192 -10.15 17.03 -1.64
CA LYS A 192 -10.16 17.02 -3.10
C LYS A 192 -11.03 15.87 -3.62
N ALA A 193 -10.96 14.70 -2.98
CA ALA A 193 -11.80 13.59 -3.38
C ALA A 193 -13.26 13.85 -3.10
N GLN A 194 -13.57 14.72 -2.14
CA GLN A 194 -14.97 15.04 -1.84
C GLN A 194 -15.58 15.98 -2.89
N ARG A 195 -14.75 16.62 -3.71
CA ARG A 195 -15.27 17.38 -4.83
C ARG A 195 -15.88 16.44 -5.87
N THR A 196 -16.79 16.99 -6.68
CA THR A 196 -17.49 16.19 -7.67
C THR A 196 -16.56 15.68 -8.77
#